data_1F1E
#
_entry.id   1F1E
#
_cell.length_a   57.40
_cell.length_b   57.40
_cell.length_c   96.95
_cell.angle_alpha   90.00
_cell.angle_beta   90.00
_cell.angle_gamma   90.00
#
_symmetry.space_group_name_H-M   'P 41 21 2'
#
loop_
_entity.id
_entity.type
_entity.pdbx_description
1 polymer 'HISTONE FOLD PROTEIN'
2 non-polymer 'CHLORIDE ION'
3 water water
#
_entity_poly.entity_id   1
_entity_poly.type   'polypeptide(L)'
_entity_poly.pdbx_seq_one_letter_code
;MAVELPKAAIERIFRQGIGERRLSQDAKDTIYDFVPT(MSE)AEYVANAAKSVLDASGKKTL(MSE)EEHLKALADVL
(MSE)VEGVEDYDGELFGRATVRRILKRAGIERASSDAVDLYNKLICRATEELGEKAAEYADEDGRKTVQGEDVEKAITY
S(MSE)PKGGEL
;
_entity_poly.pdbx_strand_id   A
#
loop_
_chem_comp.id
_chem_comp.type
_chem_comp.name
_chem_comp.formula
CL non-polymer 'CHLORIDE ION' 'Cl -1'
#
# COMPACT_ATOMS: atom_id res chain seq x y z
N GLU A 4 7.43 1.49 -12.76
CA GLU A 4 6.27 2.14 -12.13
C GLU A 4 4.99 1.31 -12.04
N LEU A 5 4.19 1.54 -10.99
CA LEU A 5 2.92 0.81 -10.79
C LEU A 5 1.92 1.17 -11.83
N PRO A 6 1.34 0.28 -12.61
CA PRO A 6 0.38 0.76 -13.61
C PRO A 6 -0.93 1.26 -13.03
N LYS A 7 -1.39 2.36 -13.67
CA LYS A 7 -2.59 3.01 -13.20
C LYS A 7 -3.79 2.05 -13.27
N ALA A 8 -3.85 1.24 -14.32
CA ALA A 8 -5.00 0.34 -14.43
C ALA A 8 -5.07 -0.65 -13.27
N ALA A 9 -3.88 -1.07 -12.86
CA ALA A 9 -3.78 -2.00 -11.71
C ALA A 9 -4.10 -1.29 -10.40
N ILE A 10 -3.57 -0.07 -10.19
CA ILE A 10 -3.96 0.75 -9.04
C ILE A 10 -5.46 0.88 -8.94
N GLU A 11 -6.09 1.23 -10.06
CA GLU A 11 -7.52 1.33 -10.03
C GLU A 11 -8.25 0.04 -9.71
N ARG A 12 -7.85 -1.08 -10.36
CA ARG A 12 -8.58 -2.31 -10.06
C ARG A 12 -8.48 -2.68 -8.56
N ILE A 13 -7.27 -2.46 -8.04
CA ILE A 13 -7.00 -2.90 -6.68
C ILE A 13 -7.83 -2.02 -5.75
N PHE A 14 -7.75 -0.71 -5.96
CA PHE A 14 -8.57 0.19 -5.10
C PHE A 14 -10.05 -0.17 -5.20
N ARG A 15 -10.46 -0.45 -6.45
CA ARG A 15 -11.89 -0.75 -6.65
C ARG A 15 -12.32 -2.04 -6.00
N GLN A 16 -11.41 -2.96 -5.70
CA GLN A 16 -11.74 -4.15 -4.95
C GLN A 16 -12.32 -3.80 -3.60
N GLY A 17 -12.01 -2.61 -3.10
CA GLY A 17 -12.53 -2.25 -1.81
C GLY A 17 -13.79 -1.42 -1.89
N ILE A 18 -14.31 -1.04 -3.07
CA ILE A 18 -15.47 -0.16 -3.04
C ILE A 18 -16.76 -0.88 -3.34
N GLY A 19 -16.85 -2.20 -3.35
CA GLY A 19 -18.02 -2.92 -3.77
C GLY A 19 -18.48 -2.48 -5.12
N GLU A 20 -19.80 -2.27 -5.16
CA GLU A 20 -20.43 -1.96 -6.44
C GLU A 20 -20.48 -0.46 -6.69
N ARG A 21 -19.88 0.37 -5.84
CA ARG A 21 -19.87 1.80 -6.11
C ARG A 21 -19.14 2.26 -7.37
N ARG A 22 -19.49 3.40 -7.93
CA ARG A 22 -18.79 4.06 -9.04
C ARG A 22 -17.55 4.79 -8.52
N LEU A 23 -16.62 5.06 -9.42
CA LEU A 23 -15.38 5.76 -9.04
C LEU A 23 -15.21 6.96 -9.94
N SER A 24 -15.18 8.16 -9.35
CA SER A 24 -15.03 9.34 -10.22
C SER A 24 -13.57 9.52 -10.70
N GLN A 25 -13.42 10.37 -11.72
CA GLN A 25 -12.09 10.68 -12.20
C GLN A 25 -11.27 11.35 -11.10
N ASP A 26 -11.82 12.24 -10.29
CA ASP A 26 -10.96 12.94 -9.30
C ASP A 26 -10.47 11.98 -8.23
N ALA A 27 -11.17 10.91 -7.97
CA ALA A 27 -10.83 9.80 -7.11
C ALA A 27 -9.71 9.03 -7.78
N LYS A 28 -9.83 8.76 -9.07
CA LYS A 28 -8.73 8.07 -9.71
C LYS A 28 -7.51 8.97 -9.64
N ASP A 29 -7.64 10.27 -9.89
CA ASP A 29 -6.51 11.17 -9.87
C ASP A 29 -5.79 11.10 -8.52
N THR A 30 -6.67 11.07 -7.51
CA THR A 30 -6.05 11.02 -6.15
C THR A 30 -5.22 9.79 -5.86
N ILE A 31 -5.80 8.65 -6.23
CA ILE A 31 -5.14 7.36 -6.00
C ILE A 31 -3.93 7.20 -6.91
N TYR A 32 -3.90 7.77 -8.10
CA TYR A 32 -2.71 7.63 -8.96
C TYR A 32 -1.56 8.42 -8.38
N ASP A 33 -1.92 9.54 -7.77
CA ASP A 33 -0.81 10.28 -7.17
C ASP A 33 -0.38 9.54 -5.89
N PHE A 34 -1.34 9.10 -5.08
CA PHE A 34 -1.03 8.60 -3.77
C PHE A 34 -0.41 7.19 -3.70
N VAL A 35 -1.01 6.27 -4.43
CA VAL A 35 -0.55 4.87 -4.28
C VAL A 35 0.94 4.74 -4.57
N PRO A 36 1.52 5.28 -5.61
CA PRO A 36 2.98 5.14 -5.77
C PRO A 36 3.76 5.76 -4.65
N THR A 37 3.32 6.90 -4.10
CA THR A 37 4.01 7.52 -2.98
C THR A 37 3.93 6.65 -1.73
N MSE A 38 2.72 6.04 -1.50
CA MSE A 38 2.57 5.09 -0.41
C MSE A 38 3.46 3.87 -0.60
O MSE A 38 4.10 3.43 0.33
CB MSE A 38 1.12 4.67 -0.26
CG MSE A 38 0.89 3.67 0.81
CG MSE A 38 0.55 3.83 0.82
SE MSE A 38 1.06 1.94 0.32
SE MSE A 38 -1.00 2.85 0.82
CE MSE A 38 -0.30 1.70 -0.79
CE MSE A 38 -0.85 1.99 -0.74
N ALA A 39 3.52 3.34 -1.80
CA ALA A 39 4.38 2.18 -2.05
C ALA A 39 5.82 2.51 -1.75
N GLU A 40 6.26 3.71 -2.14
CA GLU A 40 7.64 4.12 -1.88
C GLU A 40 7.88 4.31 -0.39
N TYR A 41 6.95 4.91 0.30
CA TYR A 41 7.01 5.09 1.71
C TYR A 41 7.18 3.75 2.43
N VAL A 42 6.36 2.76 2.00
CA VAL A 42 6.38 1.44 2.59
C VAL A 42 7.71 0.77 2.29
N ALA A 43 8.24 0.92 1.12
CA ALA A 43 9.54 0.32 0.77
C ALA A 43 10.66 0.95 1.60
N ASN A 44 10.62 2.29 1.76
CA ASN A 44 11.61 2.94 2.61
C ASN A 44 11.47 2.48 4.05
N ALA A 45 10.25 2.29 4.48
CA ALA A 45 10.04 1.78 5.85
C ALA A 45 10.56 0.39 6.02
N ALA A 46 10.37 -0.44 5.01
CA ALA A 46 10.95 -1.77 4.99
C ALA A 46 12.46 -1.70 5.10
N LYS A 47 13.10 -0.77 4.39
CA LYS A 47 14.54 -0.64 4.55
C LYS A 47 14.89 -0.23 5.99
N SER A 48 14.15 0.71 6.57
CA SER A 48 14.38 1.15 7.93
C SER A 48 14.26 -0.05 8.87
N VAL A 49 13.27 -0.89 8.74
CA VAL A 49 13.09 -2.05 9.63
C VAL A 49 14.20 -3.04 9.39
N LEU A 50 14.67 -3.23 8.14
N LEU A 50 14.52 -3.24 8.10
CA LEU A 50 15.86 -4.08 7.92
CA LEU A 50 15.64 -4.11 7.69
C LEU A 50 17.19 -3.45 8.26
C LEU A 50 16.81 -3.87 8.62
N ASP A 51 17.54 -2.20 8.00
N ASP A 51 17.09 -2.59 8.74
CA ASP A 51 18.84 -1.73 8.48
CA ASP A 51 18.31 -2.12 9.35
C ASP A 51 18.96 -1.75 10.01
C ASP A 51 18.32 -2.43 10.83
N ALA A 52 17.88 -1.47 10.71
N ALA A 52 17.15 -2.61 11.46
CA ALA A 52 17.90 -1.57 12.16
CA ALA A 52 17.17 -2.92 12.89
C ALA A 52 18.10 -3.01 12.60
C ALA A 52 17.77 -4.28 13.19
N SER A 53 17.78 -3.92 11.69
N SER A 53 17.91 -5.09 12.15
CA SER A 53 17.67 -5.31 12.12
CA SER A 53 18.54 -6.38 12.31
C SER A 53 18.98 -6.09 12.11
C SER A 53 20.03 -6.40 12.01
N GLY A 54 20.04 -5.48 11.60
N GLY A 54 20.52 -5.31 11.41
CA GLY A 54 21.34 -6.14 11.48
CA GLY A 54 21.86 -5.22 10.88
C GLY A 54 21.37 -7.14 10.34
C GLY A 54 22.21 -6.30 9.87
N LYS A 55 20.32 -7.23 9.52
N LYS A 55 21.18 -6.93 9.30
CA LYS A 55 20.45 -8.15 8.37
CA LYS A 55 21.41 -7.91 8.25
C LYS A 55 20.58 -7.47 7.02
C LYS A 55 20.86 -7.29 6.97
N LYS A 56 21.09 -8.03 5.92
CA LYS A 56 21.00 -7.34 4.63
C LYS A 56 19.91 -7.88 3.74
N THR A 57 19.36 -9.00 4.20
CA THR A 57 18.28 -9.57 3.38
C THR A 57 16.91 -9.26 3.99
N LEU A 58 16.09 -8.63 3.16
CA LEU A 58 14.70 -8.39 3.56
C LEU A 58 13.99 -9.71 3.55
N MSE A 59 13.27 -10.10 4.57
CA MSE A 59 12.48 -11.24 4.92
C MSE A 59 11.05 -10.83 5.30
O MSE A 59 10.74 -9.69 5.53
CB MSE A 59 13.12 -12.09 5.99
CG MSE A 59 14.34 -12.80 5.37
CG MSE A 59 14.66 -12.13 5.91
SE MSE A 59 15.33 -13.86 6.45
SE MSE A 59 15.22 -13.35 4.71
CE MSE A 59 15.70 -12.60 7.68
CE MSE A 59 14.66 -14.88 5.41
N GLU A 60 10.23 -11.88 5.26
CA GLU A 60 8.85 -11.69 5.57
C GLU A 60 8.61 -10.90 6.87
N GLU A 61 9.41 -11.29 7.86
CA GLU A 61 9.18 -10.78 9.23
C GLU A 61 9.33 -9.25 9.19
N HIS A 62 10.17 -8.69 8.28
CA HIS A 62 10.26 -7.24 8.25
C HIS A 62 8.97 -6.56 7.75
N LEU A 63 8.34 -7.19 6.76
CA LEU A 63 7.11 -6.59 6.28
C LEU A 63 5.95 -6.85 7.24
N LYS A 64 6.03 -7.99 7.95
CA LYS A 64 5.01 -8.22 8.95
C LYS A 64 5.05 -7.16 10.04
N ALA A 65 6.26 -6.78 10.44
CA ALA A 65 6.37 -5.67 11.39
C ALA A 65 5.76 -4.39 10.83
N LEU A 66 5.94 -4.04 9.58
CA LEU A 66 5.39 -2.81 9.06
C LEU A 66 3.87 -2.90 9.03
N ALA A 67 3.35 -4.03 8.62
CA ALA A 67 1.88 -4.18 8.61
C ALA A 67 1.31 -4.01 9.99
N ASP A 68 2.01 -4.54 10.99
CA ASP A 68 1.48 -4.48 12.37
C ASP A 68 1.57 -3.03 12.74
N VAL A 69 2.61 -2.25 12.42
CA VAL A 69 2.59 -0.87 12.88
C VAL A 69 1.70 0.07 12.05
N LEU A 70 1.53 -0.17 10.75
CA LEU A 70 0.56 0.61 10.00
C LEU A 70 -0.88 0.15 10.23
N MSE A 71 -1.05 -0.96 10.90
CA MSE A 71 -2.35 -1.51 11.27
C MSE A 71 -3.17 -1.83 10.01
O MSE A 71 -4.37 -1.72 9.95
CB MSE A 71 -3.14 -0.70 12.25
CB MSE A 71 -3.02 -0.51 12.21
CG MSE A 71 -2.42 -0.58 13.64
CG MSE A 71 -2.30 -0.22 13.54
SE MSE A 71 -3.22 0.77 14.58
SE MSE A 71 -3.13 1.06 14.57
CE MSE A 71 -2.55 2.13 13.60
CE MSE A 71 -4.72 0.27 14.81
N VAL A 72 -2.50 -2.33 8.97
CA VAL A 72 -3.18 -2.80 7.77
C VAL A 72 -3.71 -4.20 8.07
N GLU A 73 -5.01 -4.47 7.99
CA GLU A 73 -5.59 -5.74 8.32
C GLU A 73 -5.63 -6.64 7.09
N GLY A 74 -5.53 -7.91 7.40
CA GLY A 74 -5.74 -8.93 6.38
C GLY A 74 -4.66 -8.97 5.32
N VAL A 75 -3.44 -8.63 5.66
CA VAL A 75 -2.42 -8.61 4.64
C VAL A 75 -2.04 -10.02 4.20
N GLU A 76 -1.80 -10.88 5.17
CA GLU A 76 -1.28 -12.24 4.82
C GLU A 76 -2.30 -12.98 3.99
N ASP A 77 -3.60 -12.85 4.29
CA ASP A 77 -4.72 -13.48 3.64
C ASP A 77 -5.16 -12.78 2.35
N TYR A 78 -4.56 -11.66 2.00
CA TYR A 78 -4.95 -10.95 0.77
C TYR A 78 -4.83 -11.86 -0.44
N ASP A 79 -5.93 -11.91 -1.24
CA ASP A 79 -5.92 -12.75 -2.39
C ASP A 79 -6.47 -12.00 -3.64
N GLY A 80 -6.43 -10.69 -3.60
CA GLY A 80 -6.77 -9.88 -4.76
C GLY A 80 -5.63 -9.76 -5.76
N GLU A 81 -5.79 -8.82 -6.67
CA GLU A 81 -4.78 -8.49 -7.65
C GLU A 81 -3.48 -8.01 -7.00
N LEU A 82 -2.34 -8.43 -7.55
CA LEU A 82 -1.02 -8.02 -7.10
C LEU A 82 -0.27 -7.32 -8.23
N PHE A 83 0.62 -6.44 -7.84
CA PHE A 83 1.44 -5.91 -8.92
C PHE A 83 2.42 -6.93 -9.41
N GLY A 84 3.12 -6.66 -10.53
CA GLY A 84 4.15 -7.54 -11.00
C GLY A 84 5.34 -7.59 -10.05
N ARG A 85 5.92 -8.78 -9.89
CA ARG A 85 6.99 -8.95 -8.91
C ARG A 85 8.16 -8.07 -9.26
N ALA A 86 8.54 -7.98 -10.52
CA ALA A 86 9.69 -7.19 -10.86
C ALA A 86 9.49 -5.72 -10.56
N THR A 87 8.29 -5.21 -10.82
CA THR A 87 7.97 -3.82 -10.51
C THR A 87 8.10 -3.56 -9.03
N VAL A 88 7.47 -4.41 -8.18
CA VAL A 88 7.59 -4.12 -6.79
C VAL A 88 9.00 -4.36 -6.28
N ARG A 89 9.72 -5.31 -6.85
CA ARG A 89 11.10 -5.50 -6.46
C ARG A 89 11.95 -4.27 -6.78
N ARG A 90 11.66 -3.60 -7.89
CA ARG A 90 12.41 -2.42 -8.26
C ARG A 90 12.08 -1.28 -7.32
N ILE A 91 10.87 -1.19 -6.83
CA ILE A 91 10.59 -0.15 -5.85
C ILE A 91 11.39 -0.43 -4.61
N LEU A 92 11.48 -1.68 -4.19
CA LEU A 92 12.27 -2.03 -3.02
C LEU A 92 13.75 -1.68 -3.27
N LYS A 93 14.28 -2.00 -4.46
CA LYS A 93 15.69 -1.76 -4.84
C LYS A 93 15.91 -0.26 -4.73
N ARG A 94 15.00 0.55 -5.24
CA ARG A 94 15.16 2.02 -5.13
C ARG A 94 15.18 2.55 -3.70
N ALA A 95 14.50 1.83 -2.83
CA ALA A 95 14.49 2.15 -1.42
C ALA A 95 15.77 1.65 -0.72
N GLY A 96 16.63 1.01 -1.47
CA GLY A 96 17.89 0.57 -0.83
C GLY A 96 17.93 -0.89 -0.48
N ILE A 97 16.93 -1.68 -0.86
CA ILE A 97 16.82 -3.09 -0.52
C ILE A 97 17.67 -3.87 -1.55
N GLU A 98 18.91 -4.21 -1.27
CA GLU A 98 19.83 -4.91 -2.14
C GLU A 98 19.45 -6.35 -2.31
N ARG A 99 18.94 -6.95 -1.27
CA ARG A 99 18.69 -8.38 -1.22
C ARG A 99 17.36 -8.57 -0.52
N ALA A 100 16.52 -9.38 -1.15
CA ALA A 100 15.23 -9.73 -0.53
C ALA A 100 14.93 -11.19 -0.86
N SER A 101 14.21 -11.83 0.05
CA SER A 101 13.68 -13.13 -0.25
C SER A 101 12.42 -13.03 -1.09
N SER A 102 12.06 -14.09 -1.80
CA SER A 102 10.84 -14.06 -2.59
C SER A 102 9.63 -13.86 -1.72
N ASP A 103 9.57 -14.50 -0.56
CA ASP A 103 8.47 -14.30 0.35
C ASP A 103 8.39 -12.86 0.88
N ALA A 104 9.49 -12.19 1.04
CA ALA A 104 9.47 -10.78 1.46
C ALA A 104 8.85 -9.90 0.38
N VAL A 105 9.32 -10.15 -0.85
CA VAL A 105 8.72 -9.41 -1.98
C VAL A 105 7.22 -9.66 -2.05
N ASP A 106 6.80 -10.90 -1.91
CA ASP A 106 5.40 -11.16 -1.99
C ASP A 106 4.64 -10.48 -0.85
N LEU A 107 5.21 -10.48 0.34
CA LEU A 107 4.48 -9.83 1.46
C LEU A 107 4.47 -8.34 1.29
N TYR A 108 5.52 -7.73 0.77
CA TYR A 108 5.47 -6.30 0.44
C TYR A 108 4.37 -6.02 -0.56
N ASN A 109 4.28 -6.87 -1.61
CA ASN A 109 3.22 -6.71 -2.58
C ASN A 109 1.84 -6.84 -1.95
N LYS A 110 1.63 -7.86 -1.14
CA LYS A 110 0.32 -7.97 -0.45
C LYS A 110 0.06 -6.80 0.45
N LEU A 111 1.08 -6.26 1.11
CA LEU A 111 0.88 -5.11 1.97
C LEU A 111 0.43 -3.91 1.15
N ILE A 112 1.11 -3.54 0.10
CA ILE A 112 0.73 -2.33 -0.59
C ILE A 112 -0.60 -2.54 -1.29
N CYS A 113 -0.88 -3.74 -1.79
CA CYS A 113 -2.16 -3.95 -2.45
C CYS A 113 -3.30 -3.98 -1.44
N ARG A 114 -3.09 -4.68 -0.34
CA ARG A 114 -4.13 -4.70 0.67
C ARG A 114 -4.35 -3.30 1.22
N ALA A 115 -3.28 -2.49 1.39
CA ALA A 115 -3.41 -1.14 1.89
C ALA A 115 -4.22 -0.30 0.91
N THR A 116 -4.03 -0.53 -0.37
CA THR A 116 -4.81 0.19 -1.39
C THR A 116 -6.29 -0.22 -1.37
N GLU A 117 -6.56 -1.51 -1.27
CA GLU A 117 -7.91 -2.00 -1.13
C GLU A 117 -8.57 -1.45 0.11
N GLU A 118 -7.84 -1.44 1.22
CA GLU A 118 -8.35 -0.88 2.47
C GLU A 118 -8.66 0.60 2.36
N LEU A 119 -7.82 1.27 1.61
CA LEU A 119 -8.15 2.68 1.32
C LEU A 119 -9.46 2.82 0.57
N GLY A 120 -9.71 1.92 -0.37
CA GLY A 120 -10.95 1.94 -1.11
C GLY A 120 -12.10 1.68 -0.16
N GLU A 121 -11.94 0.75 0.78
CA GLU A 121 -13.01 0.52 1.74
C GLU A 121 -13.31 1.76 2.56
N LYS A 122 -12.28 2.44 3.02
CA LYS A 122 -12.47 3.61 3.82
C LYS A 122 -13.13 4.73 3.01
N ALA A 123 -12.64 4.91 1.76
CA ALA A 123 -13.27 5.91 0.90
C ALA A 123 -14.76 5.61 0.67
N ALA A 124 -15.08 4.32 0.51
CA ALA A 124 -16.45 3.87 0.30
C ALA A 124 -17.29 4.26 1.51
N GLU A 125 -16.68 4.11 2.68
CA GLU A 125 -17.38 4.46 3.90
C GLU A 125 -17.69 5.94 3.94
N TYR A 126 -16.77 6.78 3.48
CA TYR A 126 -17.08 8.22 3.43
C TYR A 126 -18.14 8.55 2.40
N ALA A 127 -18.12 7.84 1.25
CA ALA A 127 -19.20 8.10 0.31
C ALA A 127 -20.55 7.73 0.89
N ASP A 128 -20.59 6.58 1.56
CA ASP A 128 -21.83 6.18 2.26
C ASP A 128 -22.30 7.27 3.18
N GLU A 129 -21.35 7.93 3.87
CA GLU A 129 -21.74 8.88 4.90
C GLU A 129 -22.49 10.04 4.25
N ASP A 130 -22.10 10.26 3.00
CA ASP A 130 -22.73 11.39 2.29
C ASP A 130 -23.86 10.92 1.39
N GLY A 131 -24.34 9.70 1.57
CA GLY A 131 -25.38 9.10 0.76
C GLY A 131 -25.03 9.14 -0.71
N ARG A 132 -23.76 8.79 -1.01
CA ARG A 132 -23.45 8.70 -2.44
C ARG A 132 -23.02 7.30 -2.85
N LYS A 133 -23.46 6.96 -4.06
CA LYS A 133 -23.05 5.79 -4.83
C LYS A 133 -21.69 5.96 -5.48
N THR A 134 -21.19 7.21 -5.62
CA THR A 134 -19.87 7.24 -6.24
C THR A 134 -18.83 7.78 -5.26
N VAL A 135 -17.70 7.08 -5.32
CA VAL A 135 -16.56 7.46 -4.51
C VAL A 135 -15.89 8.57 -5.30
N GLN A 136 -15.74 9.69 -4.61
CA GLN A 136 -15.25 10.96 -5.12
C GLN A 136 -13.91 11.31 -4.54
N GLY A 137 -13.22 12.25 -5.13
CA GLY A 137 -11.89 12.59 -4.70
C GLY A 137 -11.92 12.97 -3.20
N GLU A 138 -12.96 13.67 -2.73
CA GLU A 138 -12.98 14.06 -1.30
C GLU A 138 -12.99 12.83 -0.43
N ASP A 139 -13.63 11.75 -0.84
CA ASP A 139 -13.66 10.55 -0.01
C ASP A 139 -12.32 9.90 0.11
N VAL A 140 -11.60 9.92 -1.02
CA VAL A 140 -10.26 9.38 -1.05
C VAL A 140 -9.31 10.23 -0.24
N GLU A 141 -9.40 11.56 -0.36
CA GLU A 141 -8.57 12.43 0.43
C GLU A 141 -8.75 12.23 1.93
N LYS A 142 -10.01 12.09 2.33
CA LYS A 142 -10.29 11.88 3.75
C LYS A 142 -9.79 10.52 4.24
N ALA A 143 -9.97 9.50 3.33
CA ALA A 143 -9.45 8.19 3.66
C ALA A 143 -7.93 8.17 3.85
N ILE A 144 -7.21 8.90 2.98
CA ILE A 144 -5.76 9.03 3.12
C ILE A 144 -5.39 9.70 4.41
N THR A 145 -6.04 10.84 4.66
CA THR A 145 -5.61 11.63 5.83
C THR A 145 -5.87 10.84 7.10
N TYR A 146 -7.03 10.20 7.15
CA TYR A 146 -7.44 9.51 8.36
C TYR A 146 -6.52 8.33 8.54
N SER A 147 -6.45 7.49 7.49
CA SER A 147 -5.79 6.23 7.70
C SER A 147 -4.28 6.23 7.77
N MSE A 148 -3.59 7.21 7.23
CA MSE A 148 -2.14 7.19 7.15
C MSE A 148 -1.53 8.14 8.20
O MSE A 148 -2.13 9.11 8.65
CB MSE A 148 -1.71 7.60 5.72
CB MSE A 148 -1.69 7.76 5.80
CG MSE A 148 -1.95 6.59 4.65
CG MSE A 148 -1.96 6.96 4.59
SE MSE A 148 -0.86 5.11 4.63
SE MSE A 148 -1.59 5.26 4.50
CE MSE A 148 -2.19 3.90 4.91
CE MSE A 148 -0.01 4.78 5.12
N PRO A 149 -0.30 7.90 8.57
CA PRO A 149 0.40 8.85 9.43
C PRO A 149 0.62 10.14 8.67
N LYS A 150 0.73 11.22 9.43
CA LYS A 150 1.06 12.54 8.86
C LYS A 150 0.08 12.89 7.75
N GLY A 151 -1.17 12.50 7.92
CA GLY A 151 -2.22 12.83 7.00
C GLY A 151 -2.02 12.26 5.63
N GLY A 152 -1.17 11.27 5.51
CA GLY A 152 -0.89 10.70 4.19
C GLY A 152 0.09 11.53 3.43
N GLU A 153 0.78 12.48 4.01
CA GLU A 153 1.82 13.20 3.31
C GLU A 153 3.12 12.45 3.35
N LEU A 154 3.08 11.35 2.62
CA LEU A 154 4.09 10.32 2.63
C LEU A 154 5.16 10.50 1.56
CL CL B . 11.35 -14.63 4.19
#